data_6NK3
#
_entry.id   6NK3
#
_cell.length_a   72.550
_cell.length_b   142.700
_cell.length_c   195.380
_cell.angle_alpha   90.000
_cell.angle_beta   90.000
_cell.angle_gamma   90.000
#
_symmetry.space_group_name_H-M   'I 2 2 2'
#
loop_
_entity.id
_entity.type
_entity.pdbx_description
1 polymer 'Matrix remodeling-associated protein 8'
2 water water
#
_entity_poly.entity_id   1
_entity_poly.type   'polypeptide(L)'
_entity_poly.pdbx_seq_one_letter_code
;SGPSGTAAASSSLVSESVVSLAAGTQAVLRCQSPRMVWTQDRLHDRQRVVHWDLSGGPGSQRRRLVDMYSAGEQRVYEPR
DRDRLLLSPSAFHDGNFSLLIRAVDRGDEGVYTCNLHHHYCHLDESLAVRLEVTEDPLLSRAYWDGEKEVLVVAHGAPAL
MTCINRAHVWTDRHLEEAQQVVHWDRQLPGVSHDRADRLLDLYASGERRAYGPPFLRDRVSVNTNAFARGDFSLRIDELE
RADEGIYSCHLHHHYCGLHERRVFHLQVTEPAFE
;
_entity_poly.pdbx_strand_id   A,B
#
# COMPACT_ATOMS: atom_id res chain seq x y z
N SER A 10 1.12 36.31 19.38
CA SER A 10 -0.17 36.66 18.81
C SER A 10 -1.28 35.85 19.47
N SER A 11 -2.53 36.29 19.29
CA SER A 11 -3.66 35.65 19.92
C SER A 11 -4.95 36.19 19.30
N SER A 12 -6.04 35.47 19.54
CA SER A 12 -7.36 35.89 19.09
C SER A 12 -8.01 36.78 20.14
N LEU A 13 -8.42 37.98 19.74
CA LEU A 13 -9.11 38.90 20.64
C LEU A 13 -10.53 38.38 20.88
N VAL A 14 -10.78 37.88 22.09
CA VAL A 14 -12.08 37.30 22.40
C VAL A 14 -13.11 38.37 22.76
N SER A 15 -12.70 39.42 23.47
CA SER A 15 -13.62 40.49 23.83
C SER A 15 -12.84 41.73 24.20
N GLU A 16 -13.48 42.89 24.03
CA GLU A 16 -12.91 44.18 24.42
C GLU A 16 -14.04 45.01 25.00
N SER A 17 -14.01 45.24 26.32
CA SER A 17 -15.08 45.90 27.02
C SER A 17 -14.54 47.09 27.82
N VAL A 18 -15.46 47.97 28.21
CA VAL A 18 -15.15 49.12 29.04
C VAL A 18 -15.70 48.87 30.43
N VAL A 19 -14.89 49.13 31.45
CA VAL A 19 -15.28 48.92 32.84
C VAL A 19 -15.07 50.23 33.58
N SER A 20 -16.15 50.80 34.11
CA SER A 20 -16.11 52.03 34.89
C SER A 20 -16.57 51.71 36.30
N LEU A 21 -15.71 51.99 37.28
CA LEU A 21 -15.99 51.68 38.68
C LEU A 21 -15.56 52.83 39.56
N ALA A 22 -16.07 52.83 40.79
CA ALA A 22 -15.77 53.89 41.73
C ALA A 22 -14.44 53.61 42.44
N ALA A 23 -13.71 54.68 42.75
CA ALA A 23 -12.50 54.55 43.54
C ALA A 23 -12.84 53.94 44.90
N GLY A 24 -11.95 53.07 45.38
CA GLY A 24 -12.15 52.38 46.63
C GLY A 24 -12.87 51.03 46.53
N THR A 25 -13.56 50.77 45.42
CA THR A 25 -14.22 49.49 45.23
C THR A 25 -13.23 48.48 44.66
N GLN A 26 -13.69 47.25 44.46
CA GLN A 26 -12.85 46.18 43.93
C GLN A 26 -13.30 45.83 42.51
N ALA A 27 -12.37 45.91 41.57
CA ALA A 27 -12.62 45.49 40.20
C ALA A 27 -12.41 44.00 40.05
N VAL A 28 -13.28 43.35 39.28
CA VAL A 28 -13.13 41.96 38.90
C VAL A 28 -13.21 41.89 37.39
N LEU A 29 -12.09 41.61 36.74
CA LEU A 29 -12.01 41.53 35.28
C LEU A 29 -12.06 40.06 34.90
N ARG A 30 -13.21 39.61 34.40
CA ARG A 30 -13.47 38.19 34.22
C ARG A 30 -12.65 37.63 33.07
N CYS A 31 -11.96 36.51 33.34
CA CYS A 31 -11.15 35.82 32.34
C CYS A 31 -11.19 34.34 32.71
N GLN A 32 -11.98 33.56 31.98
CA GLN A 32 -12.20 32.16 32.29
C GLN A 32 -12.07 31.31 31.04
N SER A 33 -11.59 30.07 31.23
CA SER A 33 -11.48 29.11 30.14
C SER A 33 -11.39 27.69 30.66
N PRO A 34 -12.35 26.82 30.35
CA PRO A 34 -12.22 25.40 30.76
C PRO A 34 -11.07 24.68 30.09
N ARG A 35 -10.59 25.18 28.96
CA ARG A 35 -9.48 24.55 28.23
C ARG A 35 -8.11 25.02 28.73
N MET A 36 -8.07 25.85 29.76
CA MET A 36 -6.83 26.21 30.43
C MET A 36 -6.68 25.51 31.77
N VAL A 37 -7.55 24.55 32.07
CA VAL A 37 -7.48 23.83 33.33
C VAL A 37 -6.26 22.92 33.36
N TRP A 38 -5.56 22.92 34.49
CA TRP A 38 -4.43 22.03 34.71
C TRP A 38 -4.51 21.51 36.13
N THR A 39 -4.31 20.21 36.30
CA THR A 39 -4.33 19.59 37.62
C THR A 39 -3.10 18.70 37.78
N GLN A 40 -2.99 18.10 38.97
CA GLN A 40 -1.83 17.28 39.31
C GLN A 40 -1.70 16.09 38.38
N ASP A 41 -2.82 15.48 38.00
CA ASP A 41 -2.79 14.22 37.27
C ASP A 41 -2.48 14.45 35.78
N ARG A 42 -1.93 13.41 35.16
CA ARG A 42 -1.60 13.40 33.74
C ARG A 42 -2.15 12.13 33.09
N LEU A 43 -3.40 11.80 33.40
CA LEU A 43 -4.04 10.59 32.90
C LEU A 43 -4.20 10.65 31.39
N HIS A 44 -3.18 10.17 30.67
CA HIS A 44 -3.18 10.16 29.21
C HIS A 44 -3.42 11.56 28.65
N ASP A 45 -2.58 12.51 29.08
CA ASP A 45 -2.69 13.89 28.63
C ASP A 45 -1.94 14.14 27.33
N ARG A 46 -1.55 13.07 26.62
CA ARG A 46 -1.16 13.13 25.21
C ARG A 46 -1.82 12.00 24.43
N GLN A 47 -3.04 11.65 24.82
CA GLN A 47 -3.78 10.55 24.21
C GLN A 47 -4.55 11.06 23.00
N ARG A 48 -4.24 10.51 21.83
CA ARG A 48 -4.96 10.84 20.61
C ARG A 48 -5.60 9.57 20.03
N VAL A 49 -6.53 9.78 19.11
CA VAL A 49 -7.17 8.69 18.39
C VAL A 49 -7.51 9.17 16.99
N VAL A 50 -7.22 8.32 16.01
CA VAL A 50 -7.65 8.53 14.63
C VAL A 50 -8.70 7.46 14.32
N HIS A 51 -9.70 7.83 13.53
CA HIS A 51 -10.64 6.84 13.03
C HIS A 51 -11.15 7.28 11.66
N TRP A 52 -11.32 6.29 10.78
CA TRP A 52 -11.85 6.50 9.44
C TRP A 52 -13.29 6.00 9.41
N ASP A 53 -14.19 6.83 8.90
CA ASP A 53 -15.59 6.48 8.79
C ASP A 53 -16.02 6.48 7.33
N LEU A 54 -17.03 5.68 7.03
CA LEU A 54 -17.61 5.60 5.69
C LEU A 54 -19.09 5.93 5.78
N SER A 55 -19.53 6.90 4.98
CA SER A 55 -20.93 7.29 4.89
C SER A 55 -21.34 7.35 3.44
N GLY A 56 -22.65 7.47 3.20
CA GLY A 56 -23.16 7.46 1.84
C GLY A 56 -24.31 8.41 1.60
N GLY A 57 -24.03 9.71 1.59
CA GLY A 57 -25.04 10.69 1.30
C GLY A 57 -25.72 11.23 2.53
N PRO A 58 -26.66 12.17 2.35
CA PRO A 58 -27.36 12.74 3.50
C PRO A 58 -28.30 11.77 4.19
N GLY A 59 -28.77 10.73 3.49
CA GLY A 59 -29.75 9.82 4.06
C GLY A 59 -29.23 8.43 4.34
N SER A 60 -27.94 8.32 4.69
CA SER A 60 -27.35 7.05 5.08
C SER A 60 -26.52 7.27 6.33
N GLN A 61 -26.27 6.17 7.06
CA GLN A 61 -25.60 6.23 8.35
C GLN A 61 -24.12 5.90 8.19
N ARG A 62 -23.27 6.72 8.81
CA ARG A 62 -21.83 6.49 8.76
C ARG A 62 -21.46 5.23 9.52
N ARG A 63 -20.42 4.55 9.04
CA ARG A 63 -19.92 3.33 9.66
C ARG A 63 -18.44 3.48 9.98
N ARG A 64 -18.07 3.18 11.23
CA ARG A 64 -16.68 3.19 11.63
C ARG A 64 -15.94 2.03 10.97
N LEU A 65 -14.85 2.34 10.26
CA LEU A 65 -14.07 1.36 9.53
C LEU A 65 -12.85 0.88 10.32
N VAL A 66 -12.06 1.81 10.85
CA VAL A 66 -10.82 1.46 11.54
C VAL A 66 -10.46 2.63 12.44
N ASP A 67 -9.90 2.32 13.60
CA ASP A 67 -9.43 3.35 14.52
C ASP A 67 -8.12 2.90 15.14
N MET A 68 -7.42 3.85 15.74
CA MET A 68 -6.15 3.56 16.41
C MET A 68 -5.85 4.67 17.40
N TYR A 69 -5.60 4.28 18.65
CA TYR A 69 -5.15 5.24 19.64
C TYR A 69 -3.64 5.39 19.57
N SER A 70 -3.17 6.59 19.93
CA SER A 70 -1.73 6.78 20.08
C SER A 70 -1.19 5.80 21.11
N ALA A 71 0.02 5.30 20.86
CA ALA A 71 0.65 4.25 21.67
C ALA A 71 -0.15 2.95 21.66
N GLY A 72 -1.03 2.77 20.67
CA GLY A 72 -1.83 1.57 20.57
C GLY A 72 -1.73 0.96 19.18
N GLU A 73 -2.47 -0.13 19.00
CA GLU A 73 -2.52 -0.86 17.74
C GLU A 73 -3.84 -0.58 17.04
N GLN A 74 -3.80 -0.53 15.71
CA GLN A 74 -4.99 -0.23 14.94
C GLN A 74 -5.99 -1.38 15.03
N ARG A 75 -7.26 -1.02 15.17
CA ARG A 75 -8.36 -1.99 15.24
C ARG A 75 -9.27 -1.79 14.06
N VAL A 76 -9.54 -2.87 13.32
CA VAL A 76 -10.49 -2.86 12.22
C VAL A 76 -11.80 -3.48 12.71
N TYR A 77 -12.91 -2.92 12.25
CA TYR A 77 -14.23 -3.27 12.77
C TYR A 77 -14.93 -4.38 12.00
N GLU A 78 -14.60 -4.57 10.72
CA GLU A 78 -15.18 -5.67 9.96
C GLU A 78 -14.12 -6.73 9.73
N PRO A 79 -14.35 -7.98 10.18
CA PRO A 79 -13.31 -9.02 10.01
C PRO A 79 -12.86 -9.21 8.57
N ARG A 80 -13.76 -8.98 7.60
CA ARG A 80 -13.36 -9.03 6.20
C ARG A 80 -12.29 -8.00 5.89
N ASP A 81 -12.36 -6.83 6.53
CA ASP A 81 -11.43 -5.75 6.25
C ASP A 81 -10.06 -5.92 6.91
N ARG A 82 -9.90 -6.91 7.79
CA ARG A 82 -8.58 -7.20 8.34
C ARG A 82 -7.62 -7.56 7.21
N ASP A 83 -6.41 -7.00 7.28
CA ASP A 83 -5.38 -7.09 6.24
C ASP A 83 -5.82 -6.48 4.92
N ARG A 84 -6.93 -5.75 4.91
CA ARG A 84 -7.47 -5.10 3.72
C ARG A 84 -7.51 -3.58 3.85
N LEU A 85 -7.93 -3.08 5.01
CA LEU A 85 -7.85 -1.66 5.33
C LEU A 85 -6.70 -1.48 6.32
N LEU A 86 -5.71 -0.68 5.95
CA LEU A 86 -4.48 -0.58 6.73
C LEU A 86 -4.11 0.87 6.98
N LEU A 87 -3.72 1.15 8.22
CA LEU A 87 -3.10 2.41 8.60
C LEU A 87 -1.63 2.18 8.89
N SER A 88 -0.86 3.24 8.85
CA SER A 88 0.53 3.18 9.31
C SER A 88 0.53 2.94 10.81
N PRO A 89 1.16 1.86 11.30
CA PRO A 89 1.19 1.63 12.76
C PRO A 89 1.87 2.75 13.53
N SER A 90 2.75 3.51 12.88
CA SER A 90 3.40 4.66 13.48
C SER A 90 2.81 5.98 12.98
N ALA A 91 1.49 6.01 12.74
CA ALA A 91 0.84 7.20 12.21
C ALA A 91 1.07 8.40 13.09
N PHE A 92 1.04 8.21 14.41
CA PHE A 92 1.17 9.32 15.34
C PHE A 92 2.61 9.78 15.54
N HIS A 93 3.59 9.09 14.92
CA HIS A 93 4.96 9.58 15.00
C HIS A 93 5.24 10.63 13.92
N ASP A 94 4.77 10.39 12.70
CA ASP A 94 5.03 11.29 11.59
C ASP A 94 3.77 11.98 11.06
N GLY A 95 2.60 11.72 11.64
CA GLY A 95 1.39 12.36 11.18
C GLY A 95 0.84 11.81 9.89
N ASN A 96 1.15 10.56 9.55
CA ASN A 96 0.65 9.92 8.33
C ASN A 96 -0.55 9.06 8.72
N PHE A 97 -1.74 9.65 8.64
CA PHE A 97 -2.98 8.96 8.98
C PHE A 97 -3.70 8.45 7.75
N SER A 98 -3.01 8.35 6.62
CA SER A 98 -3.63 7.89 5.38
C SER A 98 -4.16 6.47 5.55
N LEU A 99 -5.20 6.14 4.79
CA LEU A 99 -5.82 4.84 4.81
C LEU A 99 -5.58 4.13 3.49
N LEU A 100 -5.00 2.94 3.55
CA LEU A 100 -4.76 2.12 2.37
C LEU A 100 -5.82 1.02 2.30
N ILE A 101 -6.60 1.03 1.22
CA ILE A 101 -7.50 -0.07 0.90
C ILE A 101 -6.76 -0.96 -0.09
N ARG A 102 -6.50 -2.21 0.29
CA ARG A 102 -5.65 -3.07 -0.50
C ARG A 102 -6.20 -3.28 -1.90
N ALA A 103 -7.50 -3.56 -2.00
CA ALA A 103 -8.17 -3.74 -3.28
C ALA A 103 -9.61 -3.31 -3.13
N VAL A 104 -10.06 -2.40 -4.00
CA VAL A 104 -11.37 -1.78 -3.87
C VAL A 104 -12.39 -2.55 -4.69
N ASP A 105 -13.65 -2.45 -4.27
CA ASP A 105 -14.79 -3.00 -5.00
C ASP A 105 -15.94 -2.02 -4.90
N ARG A 106 -17.08 -2.40 -5.49
CA ARG A 106 -18.23 -1.50 -5.50
C ARG A 106 -18.74 -1.21 -4.10
N GLY A 107 -18.51 -2.11 -3.15
CA GLY A 107 -18.92 -1.89 -1.77
C GLY A 107 -18.12 -0.85 -1.02
N ASP A 108 -16.98 -0.42 -1.57
CA ASP A 108 -16.15 0.61 -0.97
C ASP A 108 -16.52 2.02 -1.40
N GLU A 109 -17.49 2.17 -2.30
CA GLU A 109 -17.86 3.50 -2.76
C GLU A 109 -18.57 4.26 -1.65
N GLY A 110 -18.27 5.55 -1.56
CA GLY A 110 -18.82 6.40 -0.52
C GLY A 110 -17.80 7.45 -0.13
N VAL A 111 -18.16 8.24 0.89
CA VAL A 111 -17.31 9.31 1.39
C VAL A 111 -16.57 8.79 2.62
N TYR A 112 -15.24 8.85 2.58
CA TYR A 112 -14.41 8.45 3.70
C TYR A 112 -13.95 9.70 4.45
N THR A 113 -14.13 9.71 5.77
CA THR A 113 -13.67 10.82 6.60
C THR A 113 -12.60 10.32 7.56
N CYS A 114 -11.47 11.02 7.56
CA CYS A 114 -10.38 10.81 8.51
C CYS A 114 -10.59 11.76 9.69
N ASN A 115 -10.80 11.20 10.87
CA ASN A 115 -11.10 12.01 12.06
C ASN A 115 -9.97 11.89 13.08
N LEU A 116 -9.38 13.01 13.45
CA LEU A 116 -8.45 13.09 14.56
C LEU A 116 -9.16 13.68 15.78
N HIS A 117 -8.93 13.08 16.93
CA HIS A 117 -9.51 13.56 18.19
C HIS A 117 -8.46 13.49 19.28
N HIS A 118 -8.30 14.60 20.01
CA HIS A 118 -7.34 14.71 21.10
C HIS A 118 -8.12 14.73 22.40
N HIS A 119 -7.91 13.70 23.23
CA HIS A 119 -8.67 13.57 24.47
C HIS A 119 -8.26 14.61 25.51
N TYR A 120 -7.03 15.10 25.45
CA TYR A 120 -6.57 16.10 26.41
C TYR A 120 -6.95 17.51 25.96
N CYS A 121 -6.58 17.88 24.73
CA CYS A 121 -6.87 19.22 24.22
C CYS A 121 -8.32 19.39 23.79
N HIS A 122 -9.08 18.30 23.66
CA HIS A 122 -10.44 18.35 23.13
C HIS A 122 -10.46 19.01 21.75
N LEU A 123 -9.48 18.66 20.92
CA LEU A 123 -9.41 19.10 19.54
C LEU A 123 -9.99 18.03 18.62
N ASP A 124 -10.62 18.47 17.54
CA ASP A 124 -11.12 17.61 16.49
C ASP A 124 -10.73 18.18 15.15
N GLU A 125 -10.26 17.33 14.25
CA GLU A 125 -9.94 17.74 12.90
C GLU A 125 -10.25 16.57 11.97
N SER A 126 -10.84 16.88 10.81
CA SER A 126 -11.28 15.85 9.90
C SER A 126 -11.17 16.34 8.46
N LEU A 127 -10.95 15.39 7.54
CA LEU A 127 -11.06 15.66 6.11
C LEU A 127 -11.80 14.50 5.46
N ALA A 128 -12.48 14.81 4.36
CA ALA A 128 -13.28 13.84 3.64
C ALA A 128 -12.65 13.51 2.29
N VAL A 129 -12.87 12.27 1.85
CA VAL A 129 -12.45 11.81 0.53
C VAL A 129 -13.57 10.93 -0.03
N ARG A 130 -13.97 11.18 -1.27
CA ARG A 130 -14.99 10.37 -1.92
C ARG A 130 -14.31 9.34 -2.82
N LEU A 131 -14.68 8.07 -2.62
CA LEU A 131 -14.16 6.98 -3.43
C LEU A 131 -15.19 6.60 -4.49
N GLU A 132 -14.76 6.53 -5.73
CA GLU A 132 -15.59 6.09 -6.83
C GLU A 132 -14.88 4.95 -7.55
N VAL A 133 -15.57 3.82 -7.70
CA VAL A 133 -14.98 2.63 -8.30
C VAL A 133 -15.51 2.51 -9.72
N THR A 134 -14.61 2.57 -10.69
CA THR A 134 -14.96 2.49 -12.10
C THR A 134 -14.64 1.10 -12.65
N GLU A 135 -14.81 0.94 -13.96
CA GLU A 135 -14.45 -0.29 -14.65
C GLU A 135 -13.30 -0.12 -15.62
N ASP A 136 -13.09 1.08 -16.15
CA ASP A 136 -12.01 1.33 -17.08
C ASP A 136 -10.82 1.94 -16.36
N PRO A 137 -9.62 1.37 -16.51
CA PRO A 137 -8.46 1.92 -15.79
C PRO A 137 -8.03 3.28 -16.29
N LEU A 138 -8.29 3.61 -17.55
CA LEU A 138 -7.96 4.94 -18.07
C LEU A 138 -8.91 6.01 -17.56
N LEU A 139 -10.03 5.64 -16.95
CA LEU A 139 -10.93 6.57 -16.29
C LEU A 139 -10.51 6.87 -14.85
N SER A 140 -9.44 6.24 -14.36
CA SER A 140 -9.01 6.41 -12.98
C SER A 140 -8.26 7.72 -12.83
N ARG A 141 -8.77 8.60 -11.96
CA ARG A 141 -8.16 9.91 -11.76
C ARG A 141 -8.38 10.34 -10.32
N ALA A 142 -7.61 11.35 -9.92
CA ALA A 142 -7.78 12.02 -8.63
C ALA A 142 -8.01 13.49 -8.89
N TYR A 143 -9.16 14.01 -8.46
CA TYR A 143 -9.51 15.40 -8.71
C TYR A 143 -10.21 15.99 -7.49
N TRP A 144 -10.35 17.31 -7.51
CA TRP A 144 -10.92 18.07 -6.41
C TRP A 144 -12.28 18.61 -6.87
N ASP A 145 -13.35 18.17 -6.22
CA ASP A 145 -14.70 18.51 -6.65
C ASP A 145 -15.15 19.89 -6.20
N GLY A 146 -14.28 20.65 -5.54
CA GLY A 146 -14.62 21.95 -5.00
C GLY A 146 -14.50 22.05 -3.50
N GLU A 147 -14.62 20.93 -2.79
CA GLU A 147 -14.50 20.97 -1.33
C GLU A 147 -13.91 19.69 -0.76
N LYS A 148 -13.68 18.70 -1.61
CA LYS A 148 -13.09 17.45 -1.15
C LYS A 148 -12.42 16.73 -2.31
N GLU A 149 -11.44 15.90 -1.97
CA GLU A 149 -10.77 15.06 -2.97
C GLU A 149 -11.68 13.90 -3.36
N VAL A 150 -11.71 13.61 -4.67
CA VAL A 150 -12.47 12.50 -5.21
C VAL A 150 -11.50 11.53 -5.87
N LEU A 151 -11.56 10.27 -5.46
CA LEU A 151 -10.69 9.23 -6.01
C LEU A 151 -11.53 8.31 -6.91
N VAL A 152 -11.14 8.23 -8.18
CA VAL A 152 -11.68 7.27 -9.12
C VAL A 152 -10.66 6.16 -9.30
N VAL A 153 -11.01 4.95 -8.86
CA VAL A 153 -10.08 3.83 -8.81
C VAL A 153 -10.68 2.65 -9.56
N ALA A 154 -9.85 1.98 -10.35
CA ALA A 154 -10.28 0.76 -11.03
C ALA A 154 -10.63 -0.31 -10.02
N HIS A 155 -11.60 -1.15 -10.37
CA HIS A 155 -12.02 -2.25 -9.50
C HIS A 155 -10.84 -3.18 -9.22
N GLY A 156 -10.66 -3.55 -7.96
CA GLY A 156 -9.56 -4.40 -7.56
C GLY A 156 -8.22 -3.70 -7.40
N ALA A 157 -8.12 -2.44 -7.80
CA ALA A 157 -6.91 -1.66 -7.60
C ALA A 157 -6.87 -1.12 -6.18
N PRO A 158 -5.70 -0.72 -5.69
CA PRO A 158 -5.64 -0.12 -4.35
C PRO A 158 -6.04 1.34 -4.37
N ALA A 159 -6.50 1.81 -3.20
CA ALA A 159 -6.85 3.21 -3.00
C ALA A 159 -6.12 3.72 -1.77
N LEU A 160 -5.25 4.70 -1.96
CA LEU A 160 -4.57 5.37 -0.86
C LEU A 160 -5.28 6.71 -0.65
N MET A 161 -6.07 6.77 0.41
CA MET A 161 -6.76 8.01 0.80
C MET A 161 -5.85 8.77 1.76
N THR A 162 -5.30 9.88 1.28
CA THR A 162 -4.26 10.59 2.01
C THR A 162 -4.86 11.41 3.16
N CYS A 163 -4.27 11.26 4.34
CA CYS A 163 -4.62 12.08 5.50
C CYS A 163 -3.33 12.34 6.26
N ILE A 164 -2.73 13.50 6.00
CA ILE A 164 -1.43 13.86 6.57
C ILE A 164 -1.59 15.13 7.39
N ASN A 165 -1.21 15.05 8.67
CA ASN A 165 -1.27 16.18 9.59
C ASN A 165 -0.03 16.09 10.48
N ARG A 166 0.98 16.91 10.19
CA ARG A 166 2.24 16.88 10.89
C ARG A 166 2.32 17.89 12.04
N ALA A 167 1.19 18.48 12.41
CA ALA A 167 1.17 19.43 13.52
C ALA A 167 1.61 18.74 14.81
N HIS A 168 2.30 19.50 15.66
CA HIS A 168 2.90 18.91 16.86
C HIS A 168 1.84 18.38 17.82
N VAL A 169 0.63 18.92 17.78
CA VAL A 169 -0.41 18.48 18.71
C VAL A 169 -0.84 17.05 18.39
N TRP A 170 -0.69 16.62 17.14
CA TRP A 170 -1.08 15.27 16.74
C TRP A 170 0.08 14.28 16.76
N THR A 171 1.30 14.76 16.60
CA THR A 171 2.46 13.90 16.42
C THR A 171 3.30 13.85 17.69
N ASP A 172 4.15 12.83 17.76
CA ASP A 172 5.00 12.60 18.92
C ASP A 172 6.28 13.41 18.85
N ARG A 173 6.21 14.58 18.21
CA ARG A 173 7.31 15.53 18.23
C ARG A 173 7.08 16.54 19.35
N HIS A 174 8.16 16.86 20.07
CA HIS A 174 8.08 17.68 21.27
C HIS A 174 8.62 19.07 20.95
N LEU A 175 7.73 20.06 20.94
CA LEU A 175 8.13 21.46 20.80
C LEU A 175 8.51 22.04 22.16
N GLU A 176 9.59 21.50 22.72
CA GLU A 176 10.00 21.76 24.12
C GLU A 176 8.82 21.37 24.99
N GLU A 177 8.43 22.17 26.00
CA GLU A 177 7.26 21.85 26.81
C GLU A 177 6.59 23.09 27.37
N ALA A 178 6.62 24.20 26.62
CA ALA A 178 6.02 25.46 27.05
C ALA A 178 4.62 25.26 27.60
N GLN A 179 4.52 25.18 28.93
CA GLN A 179 3.27 24.85 29.60
C GLN A 179 2.24 25.95 29.41
N GLN A 180 1.05 25.73 29.97
CA GLN A 180 0.04 26.78 30.00
C GLN A 180 0.54 27.95 30.83
N VAL A 181 0.31 29.16 30.34
CA VAL A 181 0.62 30.37 31.09
C VAL A 181 -0.46 31.41 30.80
N VAL A 182 -0.82 32.16 31.83
CA VAL A 182 -1.72 33.30 31.71
C VAL A 182 -0.92 34.55 32.03
N HIS A 183 -1.06 35.58 31.19
CA HIS A 183 -0.43 36.87 31.41
C HIS A 183 -1.52 37.92 31.61
N TRP A 184 -1.35 38.74 32.64
CA TRP A 184 -2.14 39.95 32.80
C TRP A 184 -1.24 41.14 32.53
N ASP A 185 -1.65 41.99 31.59
CA ASP A 185 -0.89 43.18 31.21
C ASP A 185 -1.67 44.43 31.59
N ARG A 186 -0.94 45.53 31.72
CA ARG A 186 -1.54 46.82 32.03
C ARG A 186 -0.88 47.88 31.17
N GLN A 187 -1.70 48.65 30.45
CA GLN A 187 -1.23 49.76 29.63
C GLN A 187 -1.83 51.04 30.17
N LEU A 188 -1.01 51.86 30.82
CA LEU A 188 -1.45 53.09 31.46
C LEU A 188 -1.68 54.18 30.42
N PRO A 189 -2.45 55.22 30.77
CA PRO A 189 -2.72 56.29 29.79
C PRO A 189 -1.43 56.94 29.29
N GLY A 190 -1.41 57.23 27.99
CA GLY A 190 -0.25 57.79 27.35
C GLY A 190 0.78 56.78 26.91
N VAL A 191 0.90 55.66 27.64
CA VAL A 191 1.87 54.62 27.28
C VAL A 191 1.39 53.92 26.02
N SER A 192 2.25 53.90 25.00
CA SER A 192 1.93 53.19 23.77
C SER A 192 1.94 51.68 24.01
N HIS A 193 1.35 50.95 23.08
CA HIS A 193 1.37 49.49 23.16
C HIS A 193 2.80 48.99 22.94
N ASP A 194 2.97 47.67 23.05
CA ASP A 194 4.27 47.00 23.08
C ASP A 194 5.02 47.33 24.36
N ARG A 195 4.88 48.56 24.85
CA ARG A 195 5.46 48.99 26.11
C ARG A 195 4.47 48.87 27.26
N ALA A 196 3.50 47.97 27.15
CA ALA A 196 2.58 47.72 28.25
C ALA A 196 3.27 46.95 29.36
N ASP A 197 2.91 47.28 30.60
CA ASP A 197 3.55 46.68 31.76
C ASP A 197 2.92 45.33 32.07
N ARG A 198 3.77 44.32 32.28
CA ARG A 198 3.28 43.03 32.77
C ARG A 198 2.87 43.15 34.22
N LEU A 199 1.69 42.63 34.54
CA LEU A 199 1.19 42.63 35.92
C LEU A 199 1.39 41.28 36.61
N LEU A 200 1.03 40.19 35.94
CA LEU A 200 1.02 38.87 36.55
C LEU A 200 1.39 37.82 35.52
N ASP A 201 2.21 36.87 35.93
CA ASP A 201 2.43 35.63 35.19
C ASP A 201 1.90 34.49 36.02
N LEU A 202 1.01 33.69 35.44
CA LEU A 202 0.42 32.53 36.11
C LEU A 202 0.73 31.29 35.28
N TYR A 203 1.57 30.42 35.81
CA TYR A 203 1.98 29.20 35.12
C TYR A 203 1.15 28.04 35.63
N ALA A 204 0.81 27.11 34.73
CA ALA A 204 -0.01 25.97 35.10
C ALA A 204 0.63 25.16 36.21
N SER A 205 1.97 25.12 36.27
CA SER A 205 2.67 24.37 37.30
C SER A 205 2.44 24.93 38.70
N GLY A 206 1.92 26.15 38.82
CA GLY A 206 1.66 26.79 40.09
C GLY A 206 2.46 28.06 40.32
N GLU A 207 3.59 28.20 39.61
CA GLU A 207 4.42 29.39 39.81
C GLU A 207 3.68 30.65 39.40
N ARG A 208 3.79 31.68 40.23
CA ARG A 208 3.23 32.99 39.96
C ARG A 208 4.31 34.05 40.03
N ARG A 209 4.20 35.05 39.17
CA ARG A 209 5.11 36.18 39.16
C ARG A 209 4.29 37.45 39.17
N ALA A 210 4.40 38.21 40.25
CA ALA A 210 3.73 39.50 40.40
C ALA A 210 4.72 40.62 40.18
N TYR A 211 4.24 41.71 39.58
CA TYR A 211 5.09 42.82 39.21
C TYR A 211 4.56 44.11 39.82
N GLY A 212 5.46 45.07 39.99
CA GLY A 212 5.11 46.37 40.52
C GLY A 212 5.58 46.59 41.94
N PRO A 213 5.49 47.82 42.42
CA PRO A 213 5.87 48.12 43.81
C PRO A 213 4.93 47.43 44.78
N PRO A 214 5.32 47.33 46.06
CA PRO A 214 4.44 46.64 47.02
C PRO A 214 3.05 47.20 47.12
N PHE A 215 2.89 48.53 46.96
CA PHE A 215 1.55 49.12 47.04
C PHE A 215 0.62 48.56 45.99
N LEU A 216 1.15 48.15 44.84
CA LEU A 216 0.34 47.59 43.77
C LEU A 216 0.16 46.08 43.90
N ARG A 217 1.21 45.36 44.28
CA ARG A 217 1.12 43.91 44.38
C ARG A 217 0.11 43.49 45.45
N ASP A 218 -0.02 44.28 46.53
CA ASP A 218 -0.95 43.93 47.59
C ASP A 218 -2.40 44.01 47.15
N ARG A 219 -2.69 44.76 46.08
CA ARG A 219 -4.06 45.01 45.66
C ARG A 219 -4.48 44.21 44.43
N VAL A 220 -3.55 43.54 43.76
CA VAL A 220 -3.82 42.82 42.52
C VAL A 220 -3.64 41.33 42.79
N SER A 221 -4.69 40.55 42.54
CA SER A 221 -4.63 39.12 42.82
C SER A 221 -5.52 38.35 41.87
N VAL A 222 -5.19 37.08 41.70
CA VAL A 222 -6.03 36.09 41.03
C VAL A 222 -6.23 34.96 42.02
N ASN A 223 -7.46 34.41 42.05
CA ASN A 223 -7.78 33.36 43.02
C ASN A 223 -6.79 32.20 42.92
N THR A 224 -6.52 31.57 44.07
CA THR A 224 -5.40 30.63 44.16
C THR A 224 -5.65 29.34 43.40
N ASN A 225 -6.90 28.99 43.12
CA ASN A 225 -7.23 27.80 42.36
C ASN A 225 -7.50 28.10 40.88
N ALA A 226 -6.76 29.05 40.32
CA ALA A 226 -7.05 29.53 38.96
C ALA A 226 -7.03 28.40 37.96
N PHE A 227 -5.95 27.62 37.92
CA PHE A 227 -5.80 26.57 36.93
C PHE A 227 -6.63 25.33 37.25
N ALA A 228 -7.00 25.12 38.51
CA ALA A 228 -7.90 24.02 38.83
C ALA A 228 -9.28 24.26 38.26
N ARG A 229 -9.76 25.51 38.28
CA ARG A 229 -11.09 25.84 37.81
C ARG A 229 -11.10 26.59 36.49
N GLY A 230 -9.93 26.92 35.94
CA GLY A 230 -9.89 27.69 34.71
C GLY A 230 -10.42 29.10 34.87
N ASP A 231 -10.21 29.72 36.03
CA ASP A 231 -10.71 31.06 36.33
C ASP A 231 -9.51 31.95 36.63
N PHE A 232 -9.23 32.90 35.75
CA PHE A 232 -8.06 33.76 35.88
C PHE A 232 -8.46 35.23 36.05
N SER A 233 -9.67 35.48 36.54
CA SER A 233 -10.18 36.84 36.68
C SER A 233 -9.26 37.67 37.56
N LEU A 234 -8.98 38.88 37.11
CA LEU A 234 -8.13 39.80 37.87
C LEU A 234 -8.96 40.54 38.90
N ARG A 235 -8.51 40.52 40.14
CA ARG A 235 -9.12 41.28 41.22
C ARG A 235 -8.19 42.43 41.57
N ILE A 236 -8.71 43.66 41.51
CA ILE A 236 -7.97 44.86 41.89
C ILE A 236 -8.66 45.43 43.12
N ASP A 237 -8.00 45.33 44.27
CA ASP A 237 -8.55 45.84 45.51
C ASP A 237 -8.29 47.33 45.65
N GLU A 238 -9.24 48.04 46.25
CA GLU A 238 -9.09 49.45 46.61
C GLU A 238 -8.69 50.28 45.38
N LEU A 239 -9.65 50.39 44.47
CA LEU A 239 -9.41 51.06 43.19
C LEU A 239 -8.98 52.50 43.41
N GLU A 240 -7.86 52.87 42.81
CA GLU A 240 -7.38 54.24 42.78
C GLU A 240 -7.43 54.77 41.36
N ARG A 241 -7.38 56.10 41.24
CA ARG A 241 -7.40 56.71 39.91
C ARG A 241 -6.20 56.27 39.08
N ALA A 242 -5.07 56.03 39.74
CA ALA A 242 -3.86 55.58 39.05
C ALA A 242 -3.98 54.17 38.49
N ASP A 243 -5.06 53.45 38.80
CA ASP A 243 -5.27 52.10 38.29
C ASP A 243 -5.92 52.08 36.91
N GLU A 244 -6.45 53.20 36.43
CA GLU A 244 -7.13 53.21 35.15
C GLU A 244 -6.15 52.96 34.02
N GLY A 245 -6.65 52.36 32.95
CA GLY A 245 -5.83 51.99 31.82
C GLY A 245 -6.44 50.80 31.11
N ILE A 246 -5.64 50.22 30.20
CA ILE A 246 -6.07 49.12 29.37
C ILE A 246 -5.46 47.84 29.94
N TYR A 247 -6.30 46.98 30.49
CA TYR A 247 -5.87 45.70 31.03
C TYR A 247 -6.15 44.59 30.01
N SER A 248 -5.26 43.61 29.96
CA SER A 248 -5.42 42.52 29.02
C SER A 248 -5.02 41.20 29.66
N CYS A 249 -5.90 40.20 29.54
CA CYS A 249 -5.65 38.82 29.93
C CYS A 249 -5.23 38.05 28.69
N HIS A 250 -4.10 37.35 28.77
CA HIS A 250 -3.59 36.55 27.65
C HIS A 250 -3.48 35.09 28.08
N LEU A 251 -4.28 34.23 27.46
CA LEU A 251 -4.26 32.80 27.73
C LEU A 251 -3.44 32.09 26.67
N HIS A 252 -2.44 31.31 27.08
CA HIS A 252 -1.56 30.62 26.16
C HIS A 252 -1.45 29.16 26.58
N HIS A 253 -1.88 28.26 25.69
CA HIS A 253 -1.65 26.81 25.81
C HIS A 253 -0.96 26.40 24.51
N HIS A 254 0.38 26.43 24.52
CA HIS A 254 1.13 26.28 23.28
C HIS A 254 0.97 24.89 22.68
N TYR A 255 0.86 23.86 23.53
CA TYR A 255 0.72 22.51 23.02
C TYR A 255 -0.61 22.32 22.31
N CYS A 256 -1.70 22.81 22.89
CA CYS A 256 -3.04 22.69 22.31
C CYS A 256 -3.36 23.81 21.33
N GLY A 257 -2.45 24.76 21.11
CA GLY A 257 -2.71 25.83 20.18
C GLY A 257 -3.74 26.85 20.63
N LEU A 258 -3.96 26.99 21.93
CA LEU A 258 -4.92 27.97 22.45
C LEU A 258 -4.19 29.29 22.70
N HIS A 259 -4.65 30.35 22.05
CA HIS A 259 -4.04 31.67 22.23
C HIS A 259 -5.16 32.69 22.15
N GLU A 260 -5.64 33.14 23.32
CA GLU A 260 -6.74 34.07 23.44
C GLU A 260 -6.33 35.25 24.30
N ARG A 261 -6.92 36.40 24.03
CA ARG A 261 -6.76 37.56 24.91
C ARG A 261 -8.08 38.29 25.06
N ARG A 262 -8.27 38.87 26.24
CA ARG A 262 -9.40 39.73 26.56
C ARG A 262 -8.86 41.07 27.01
N VAL A 263 -9.53 42.15 26.58
CA VAL A 263 -9.07 43.50 26.83
C VAL A 263 -10.13 44.24 27.63
N PHE A 264 -9.69 44.98 28.66
CA PHE A 264 -10.58 45.73 29.53
C PHE A 264 -10.08 47.17 29.60
N HIS A 265 -10.93 48.11 29.21
CA HIS A 265 -10.66 49.53 29.39
C HIS A 265 -11.22 49.93 30.74
N LEU A 266 -10.34 50.09 31.73
CA LEU A 266 -10.75 50.36 33.09
C LEU A 266 -10.77 51.87 33.34
N GLN A 267 -11.92 52.39 33.76
CA GLN A 267 -12.07 53.78 34.17
C GLN A 267 -12.44 53.82 35.64
N VAL A 268 -11.78 54.70 36.39
CA VAL A 268 -11.99 54.83 37.83
C VAL A 268 -12.57 56.22 38.08
N THR A 269 -13.80 56.25 38.59
CA THR A 269 -14.51 57.50 38.87
C THR A 269 -14.48 57.76 40.37
N GLU A 270 -14.02 58.95 40.75
CA GLU A 270 -14.00 59.32 42.16
C GLU A 270 -15.40 59.70 42.64
N PRO A 271 -15.72 59.41 43.90
CA PRO A 271 -16.99 59.90 44.46
C PRO A 271 -16.95 61.40 44.65
N ALA A 272 -18.06 62.06 44.34
CA ALA A 272 -18.16 63.51 44.43
C ALA A 272 -18.91 63.93 45.68
N ALA B 8 3.11 -10.86 -29.33
CA ALA B 8 3.96 -12.02 -29.52
C ALA B 8 3.48 -12.87 -30.70
N ALA B 9 4.43 -13.42 -31.45
CA ALA B 9 4.10 -14.29 -32.57
C ALA B 9 4.05 -15.76 -32.14
N SER B 10 5.12 -16.25 -31.53
CA SER B 10 5.16 -17.65 -31.14
C SER B 10 6.23 -17.86 -30.07
N SER B 11 6.01 -18.89 -29.25
CA SER B 11 6.97 -19.35 -28.26
C SER B 11 7.22 -20.83 -28.51
N SER B 12 8.50 -21.22 -28.60
CA SER B 12 8.85 -22.57 -29.00
C SER B 12 9.89 -23.17 -28.08
N LEU B 13 9.75 -24.48 -27.84
CA LEU B 13 10.78 -25.31 -27.23
C LEU B 13 11.27 -26.28 -28.30
N VAL B 14 12.56 -26.17 -28.64
CA VAL B 14 13.12 -26.91 -29.76
C VAL B 14 14.32 -27.72 -29.27
N SER B 15 14.37 -28.99 -29.66
CA SER B 15 15.53 -29.85 -29.43
C SER B 15 15.94 -30.50 -30.75
N GLU B 16 17.24 -30.57 -30.98
CA GLU B 16 17.79 -31.08 -32.23
C GLU B 16 18.81 -32.16 -31.93
N SER B 17 18.77 -33.24 -32.70
CA SER B 17 19.65 -34.38 -32.48
C SER B 17 20.17 -34.91 -33.81
N VAL B 18 21.39 -35.46 -33.77
CA VAL B 18 21.99 -36.15 -34.89
C VAL B 18 21.98 -37.64 -34.59
N VAL B 19 21.44 -38.44 -35.51
CA VAL B 19 21.31 -39.88 -35.32
C VAL B 19 21.98 -40.57 -36.49
N SER B 20 22.93 -41.45 -36.21
CA SER B 20 23.61 -42.25 -37.23
C SER B 20 23.44 -43.72 -36.86
N LEU B 21 22.78 -44.48 -37.74
CA LEU B 21 22.45 -45.87 -37.46
C LEU B 21 22.76 -46.73 -38.67
N ALA B 22 23.12 -47.98 -38.40
CA ALA B 22 23.41 -48.92 -39.48
C ALA B 22 22.13 -49.36 -40.17
N ALA B 23 22.23 -49.61 -41.47
CA ALA B 23 21.09 -50.12 -42.22
C ALA B 23 20.70 -51.51 -41.70
N GLY B 24 19.41 -51.79 -41.75
CA GLY B 24 18.87 -53.03 -41.23
C GLY B 24 18.48 -52.98 -39.77
N THR B 25 19.10 -52.09 -38.98
CA THR B 25 18.73 -51.94 -37.58
C THR B 25 17.45 -51.11 -37.47
N GLN B 26 16.98 -50.93 -36.24
CA GLN B 26 15.77 -50.16 -35.98
C GLN B 26 16.11 -48.77 -35.47
N ALA B 27 15.37 -47.77 -35.95
CA ALA B 27 15.49 -46.41 -35.48
C ALA B 27 14.37 -46.11 -34.50
N VAL B 28 14.72 -45.52 -33.37
CA VAL B 28 13.74 -45.04 -32.39
C VAL B 28 13.98 -43.54 -32.21
N LEU B 29 13.06 -42.73 -32.72
CA LEU B 29 13.12 -41.28 -32.59
C LEU B 29 12.22 -40.88 -31.42
N ARG B 30 12.84 -40.68 -30.26
CA ARG B 30 12.08 -40.46 -29.04
C ARG B 30 11.44 -39.08 -29.02
N CYS B 31 10.12 -39.06 -28.86
CA CYS B 31 9.35 -37.81 -28.74
C CYS B 31 8.38 -37.99 -27.57
N GLN B 32 8.73 -37.42 -26.42
CA GLN B 32 7.91 -37.52 -25.21
C GLN B 32 7.95 -36.20 -24.47
N SER B 33 6.81 -35.81 -23.90
CA SER B 33 6.71 -34.52 -23.22
C SER B 33 5.51 -34.56 -22.28
N PRO B 34 5.58 -33.88 -21.14
CA PRO B 34 4.38 -33.74 -20.30
C PRO B 34 3.26 -32.99 -20.99
N ARG B 35 3.58 -32.12 -21.96
CA ARG B 35 2.56 -31.44 -22.73
C ARG B 35 1.76 -32.39 -23.61
N MET B 36 2.32 -33.56 -23.91
CA MET B 36 1.64 -34.52 -24.77
C MET B 36 0.78 -35.51 -23.99
N VAL B 37 0.68 -35.34 -22.67
CA VAL B 37 -0.23 -36.14 -21.86
C VAL B 37 -1.59 -35.48 -21.94
N TRP B 38 -2.55 -36.16 -22.58
CA TRP B 38 -3.83 -35.51 -22.91
C TRP B 38 -4.61 -35.14 -21.66
N THR B 39 -4.87 -36.12 -20.79
CA THR B 39 -5.62 -35.84 -19.57
C THR B 39 -4.78 -34.97 -18.65
N GLN B 40 -4.91 -33.66 -18.78
CA GLN B 40 -4.10 -32.71 -18.03
C GLN B 40 -4.65 -32.59 -16.61
N ASP B 41 -3.86 -33.02 -15.63
CA ASP B 41 -4.24 -32.83 -14.24
C ASP B 41 -4.28 -31.33 -13.91
N ARG B 42 -5.45 -30.85 -13.53
CA ARG B 42 -5.60 -29.43 -13.24
C ARG B 42 -4.83 -29.00 -12.00
N LEU B 43 -4.26 -29.95 -11.24
CA LEU B 43 -3.46 -29.63 -10.07
C LEU B 43 -1.96 -29.71 -10.39
N HIS B 44 -1.49 -30.88 -10.81
CA HIS B 44 -0.06 -31.08 -10.97
C HIS B 44 0.46 -30.61 -12.33
N ASP B 45 -0.38 -30.59 -13.35
CA ASP B 45 -0.01 -30.02 -14.65
C ASP B 45 -0.36 -28.54 -14.75
N ARG B 46 -0.67 -27.90 -13.62
CA ARG B 46 -0.97 -26.48 -13.56
C ARG B 46 -0.24 -25.83 -12.40
N GLN B 47 0.98 -26.31 -12.11
CA GLN B 47 1.76 -25.75 -11.02
C GLN B 47 2.38 -24.43 -11.45
N ARG B 48 1.95 -23.34 -10.82
CA ARG B 48 2.56 -22.04 -10.99
C ARG B 48 3.11 -21.58 -9.65
N VAL B 49 4.12 -20.72 -9.70
CA VAL B 49 4.70 -20.14 -8.50
C VAL B 49 4.97 -18.65 -8.76
N VAL B 50 4.63 -17.83 -7.78
CA VAL B 50 5.02 -16.42 -7.75
C VAL B 50 6.00 -16.26 -6.60
N HIS B 51 7.07 -15.50 -6.83
CA HIS B 51 7.96 -15.13 -5.74
C HIS B 51 8.44 -13.69 -5.93
N TRP B 52 8.57 -13.00 -4.81
CA TRP B 52 9.07 -11.63 -4.78
C TRP B 52 10.48 -11.64 -4.25
N ASP B 53 11.39 -11.02 -4.99
CA ASP B 53 12.79 -10.93 -4.60
C ASP B 53 13.17 -9.48 -4.34
N LEU B 54 14.16 -9.29 -3.49
CA LEU B 54 14.71 -7.97 -3.19
C LEU B 54 16.17 -7.94 -3.62
N SER B 55 16.59 -6.80 -4.16
CA SER B 55 17.97 -6.65 -4.59
C SER B 55 18.93 -6.83 -3.42
N GLY B 56 20.11 -7.35 -3.71
CA GLY B 56 21.14 -7.51 -2.71
C GLY B 56 22.01 -6.27 -2.60
N GLY B 57 23.10 -6.42 -1.85
CA GLY B 57 24.07 -5.37 -1.72
C GLY B 57 24.84 -5.14 -3.01
N PRO B 58 25.89 -4.32 -2.95
CA PRO B 58 26.68 -4.06 -4.17
C PRO B 58 27.30 -5.33 -4.71
N GLY B 59 26.87 -5.72 -5.92
CA GLY B 59 27.40 -6.90 -6.58
C GLY B 59 27.05 -8.23 -5.94
N SER B 60 26.20 -8.24 -4.92
CA SER B 60 25.88 -9.46 -4.20
C SER B 60 24.62 -10.10 -4.78
N GLN B 61 24.09 -11.09 -4.07
CA GLN B 61 23.00 -11.91 -4.55
C GLN B 61 21.65 -11.36 -4.11
N ARG B 62 20.64 -11.56 -4.95
CA ARG B 62 19.27 -11.23 -4.58
C ARG B 62 18.82 -12.07 -3.39
N ARG B 63 17.74 -11.61 -2.76
CA ARG B 63 17.16 -12.33 -1.62
C ARG B 63 15.68 -12.56 -1.89
N ARG B 64 15.26 -13.82 -1.73
CA ARG B 64 13.88 -14.23 -1.91
C ARG B 64 13.08 -13.89 -0.65
N LEU B 65 12.02 -13.10 -0.80
CA LEU B 65 11.26 -12.63 0.35
C LEU B 65 10.08 -13.54 0.67
N VAL B 66 9.30 -13.90 -0.36
CA VAL B 66 8.08 -14.66 -0.16
C VAL B 66 7.72 -15.30 -1.49
N ASP B 67 7.20 -16.52 -1.43
CA ASP B 67 6.70 -17.18 -2.63
C ASP B 67 5.39 -17.88 -2.31
N MET B 68 4.67 -18.28 -3.36
CA MET B 68 3.41 -18.98 -3.20
C MET B 68 3.14 -19.78 -4.46
N TYR B 69 2.90 -21.06 -4.30
CA TYR B 69 2.48 -21.91 -5.40
C TYR B 69 0.96 -21.86 -5.54
N SER B 70 0.49 -22.03 -6.77
CA SER B 70 -0.94 -22.19 -7.00
C SER B 70 -1.47 -23.34 -6.16
N ALA B 71 -2.66 -23.15 -5.59
CA ALA B 71 -3.29 -24.10 -4.67
C ALA B 71 -2.45 -24.34 -3.42
N GLY B 72 -1.52 -23.44 -3.12
CA GLY B 72 -0.72 -23.51 -1.92
C GLY B 72 -0.85 -22.24 -1.09
N GLU B 73 -0.15 -22.24 0.03
CA GLU B 73 -0.11 -21.09 0.92
C GLU B 73 1.23 -20.38 0.81
N GLN B 74 1.21 -19.07 1.06
CA GLN B 74 2.43 -18.28 0.92
C GLN B 74 3.46 -18.67 1.97
N ARG B 75 4.72 -18.55 1.60
CA ARG B 75 5.84 -18.88 2.47
C ARG B 75 6.78 -17.69 2.54
N VAL B 76 7.06 -17.22 3.76
CA VAL B 76 8.00 -16.14 3.99
C VAL B 76 9.29 -16.76 4.53
N TYR B 77 10.44 -16.25 4.05
CA TYR B 77 11.72 -16.86 4.34
C TYR B 77 12.44 -16.27 5.54
N GLU B 78 12.08 -15.05 5.95
CA GLU B 78 12.60 -14.49 7.19
C GLU B 78 11.49 -14.55 8.23
N PRO B 79 11.70 -15.21 9.37
CA PRO B 79 10.60 -15.33 10.36
C PRO B 79 10.12 -13.98 10.87
N ARG B 80 10.99 -12.97 10.83
CA ARG B 80 10.58 -11.62 11.20
C ARG B 80 9.50 -11.08 10.27
N ASP B 81 9.52 -11.49 9.00
CA ASP B 81 8.60 -10.95 8.00
C ASP B 81 7.28 -11.71 7.92
N ARG B 82 7.00 -12.62 8.85
CA ARG B 82 5.71 -13.28 8.88
C ARG B 82 4.63 -12.29 9.32
N ASP B 83 3.45 -12.40 8.68
CA ASP B 83 2.33 -11.49 8.92
C ASP B 83 2.67 -10.06 8.52
N ARG B 84 3.86 -9.86 7.96
CA ARG B 84 4.35 -8.54 7.58
C ARG B 84 4.34 -8.34 6.07
N LEU B 85 4.78 -9.34 5.31
CA LEU B 85 4.61 -9.36 3.85
C LEU B 85 3.41 -10.23 3.52
N LEU B 86 2.51 -9.73 2.70
CA LEU B 86 1.26 -10.42 2.40
C LEU B 86 1.05 -10.50 0.90
N LEU B 87 0.72 -11.69 0.42
CA LEU B 87 0.17 -11.90 -0.91
C LEU B 87 -1.33 -12.17 -0.80
N SER B 88 -2.03 -11.93 -1.90
CA SER B 88 -3.44 -12.27 -1.94
C SER B 88 -3.59 -13.77 -2.05
N PRO B 89 -4.34 -14.42 -1.15
CA PRO B 89 -4.59 -15.86 -1.29
C PRO B 89 -5.33 -16.21 -2.58
N SER B 90 -6.00 -15.24 -3.20
CA SER B 90 -6.67 -15.44 -4.48
C SER B 90 -5.82 -15.00 -5.66
N ALA B 91 -4.50 -14.89 -5.48
CA ALA B 91 -3.63 -14.33 -6.51
C ALA B 91 -3.75 -15.10 -7.81
N PHE B 92 -3.74 -16.43 -7.74
CA PHE B 92 -3.80 -17.26 -8.93
C PHE B 92 -5.21 -17.45 -9.47
N HIS B 93 -6.21 -16.85 -8.84
CA HIS B 93 -7.57 -16.85 -9.38
C HIS B 93 -7.84 -15.60 -10.20
N ASP B 94 -7.36 -14.44 -9.75
CA ASP B 94 -7.60 -13.17 -10.40
C ASP B 94 -6.39 -12.61 -11.14
N GLY B 95 -5.20 -13.16 -10.91
CA GLY B 95 -4.00 -12.61 -11.53
C GLY B 95 -3.46 -11.38 -10.87
N ASN B 96 -3.70 -11.21 -9.57
CA ASN B 96 -3.18 -10.08 -8.80
C ASN B 96 -2.11 -10.62 -7.87
N PHE B 97 -0.85 -10.48 -8.29
CA PHE B 97 0.29 -10.98 -7.52
C PHE B 97 0.98 -9.87 -6.76
N SER B 98 0.26 -8.81 -6.42
CA SER B 98 0.85 -7.67 -5.74
C SER B 98 1.33 -8.06 -4.34
N LEU B 99 2.37 -7.37 -3.89
CA LEU B 99 2.94 -7.60 -2.57
C LEU B 99 2.58 -6.44 -1.65
N LEU B 100 2.00 -6.77 -0.50
CA LEU B 100 1.67 -5.78 0.52
C LEU B 100 2.67 -5.89 1.66
N ILE B 101 3.35 -4.79 1.95
CA ILE B 101 4.21 -4.67 3.12
C ILE B 101 3.42 -3.91 4.18
N ARG B 102 3.25 -4.53 5.36
CA ARG B 102 2.37 -3.95 6.36
C ARG B 102 2.93 -2.65 6.93
N ALA B 103 4.24 -2.58 7.12
CA ALA B 103 4.88 -1.37 7.63
C ALA B 103 6.30 -1.33 7.08
N VAL B 104 6.57 -0.39 6.19
CA VAL B 104 7.87 -0.32 5.52
C VAL B 104 8.88 0.37 6.42
N ASP B 105 10.08 -0.21 6.49
CA ASP B 105 11.23 0.40 7.17
C ASP B 105 12.37 0.57 6.16
N ARG B 106 13.51 1.02 6.67
CA ARG B 106 14.66 1.27 5.79
C ARG B 106 15.20 -0.03 5.20
N GLY B 107 15.12 -1.13 5.94
CA GLY B 107 15.55 -2.42 5.41
C GLY B 107 14.72 -2.94 4.26
N ASP B 108 13.64 -2.25 3.90
CA ASP B 108 12.81 -2.65 2.77
C ASP B 108 13.14 -1.90 1.49
N GLU B 109 14.02 -0.92 1.54
CA GLU B 109 14.42 -0.20 0.34
C GLU B 109 15.18 -1.13 -0.61
N GLY B 110 15.05 -0.87 -1.90
CA GLY B 110 15.73 -1.63 -2.92
C GLY B 110 14.83 -1.88 -4.10
N VAL B 111 15.33 -2.67 -5.04
CA VAL B 111 14.61 -3.03 -6.25
C VAL B 111 13.93 -4.37 -6.01
N TYR B 112 12.61 -4.39 -6.09
CA TYR B 112 11.85 -5.63 -5.98
C TYR B 112 11.58 -6.21 -7.36
N THR B 113 11.56 -7.53 -7.45
CA THR B 113 11.09 -8.21 -8.63
C THR B 113 9.94 -9.14 -8.25
N CYS B 114 8.86 -9.05 -9.02
CA CYS B 114 7.75 -10.00 -8.96
C CYS B 114 7.95 -11.03 -10.07
N ASN B 115 8.03 -12.31 -9.71
CA ASN B 115 8.44 -13.34 -10.64
C ASN B 115 7.38 -14.43 -10.73
N LEU B 116 6.87 -14.65 -11.93
CA LEU B 116 5.90 -15.71 -12.20
C LEU B 116 6.60 -16.82 -12.97
N HIS B 117 6.38 -18.06 -12.55
CA HIS B 117 6.91 -19.23 -13.26
C HIS B 117 5.79 -20.24 -13.45
N HIS B 118 5.60 -20.68 -14.69
CA HIS B 118 4.70 -21.78 -15.01
C HIS B 118 5.58 -22.99 -15.30
N HIS B 119 5.61 -23.93 -14.34
CA HIS B 119 6.49 -25.09 -14.48
C HIS B 119 6.00 -26.04 -15.56
N TYR B 120 4.71 -26.03 -15.86
CA TYR B 120 4.17 -26.90 -16.91
C TYR B 120 4.36 -26.29 -18.30
N CYS B 121 4.14 -24.99 -18.44
CA CYS B 121 4.21 -24.31 -19.72
C CYS B 121 5.58 -23.71 -20.02
N HIS B 122 6.53 -23.82 -19.09
CA HIS B 122 7.87 -23.25 -19.26
C HIS B 122 7.81 -21.74 -19.54
N LEU B 123 7.00 -21.04 -18.75
CA LEU B 123 6.82 -19.60 -18.90
C LEU B 123 7.42 -18.89 -17.70
N ASP B 124 8.18 -17.83 -17.96
CA ASP B 124 8.78 -17.00 -16.93
C ASP B 124 8.40 -15.55 -17.19
N GLU B 125 7.91 -14.88 -16.15
CA GLU B 125 7.58 -13.46 -16.23
C GLU B 125 8.18 -12.76 -15.02
N SER B 126 8.66 -11.53 -15.23
CA SER B 126 9.30 -10.78 -14.17
C SER B 126 8.99 -9.30 -14.33
N LEU B 127 8.72 -8.63 -13.20
CA LEU B 127 8.46 -7.20 -13.18
C LEU B 127 9.24 -6.59 -12.02
N ALA B 128 9.91 -5.48 -12.29
CA ALA B 128 10.76 -4.80 -11.31
C ALA B 128 10.08 -3.55 -10.80
N VAL B 129 10.17 -3.34 -9.48
CA VAL B 129 9.66 -2.14 -8.83
C VAL B 129 10.69 -1.72 -7.79
N ARG B 130 11.10 -0.45 -7.81
CA ARG B 130 12.01 0.07 -6.80
C ARG B 130 11.20 0.75 -5.70
N LEU B 131 11.54 0.42 -4.45
CA LEU B 131 10.89 0.99 -3.27
C LEU B 131 11.87 1.91 -2.57
N GLU B 132 11.45 3.15 -2.34
CA GLU B 132 12.27 4.14 -1.64
C GLU B 132 11.50 4.65 -0.43
N VAL B 133 12.18 4.70 0.71
CA VAL B 133 11.57 5.12 1.97
C VAL B 133 11.90 6.59 2.20
N THR B 134 10.89 7.39 2.49
CA THR B 134 11.05 8.78 2.86
C THR B 134 10.54 8.99 4.29
N GLU B 135 11.13 9.95 4.98
CA GLU B 135 10.68 10.32 6.32
C GLU B 135 9.76 11.53 6.30
N ASP B 136 9.48 12.08 5.12
CA ASP B 136 8.51 13.17 4.96
C ASP B 136 7.30 12.63 4.21
N PRO B 137 6.19 12.35 4.90
CA PRO B 137 5.03 11.75 4.23
C PRO B 137 4.50 12.55 3.06
N LEU B 138 4.75 13.86 3.02
CA LEU B 138 4.31 14.66 1.89
C LEU B 138 5.03 14.27 0.60
N LEU B 139 6.20 13.66 0.69
CA LEU B 139 6.98 13.27 -0.48
C LEU B 139 6.61 11.89 -1.02
N SER B 140 5.72 11.16 -0.35
CA SER B 140 5.31 9.85 -0.83
C SER B 140 4.61 9.97 -2.18
N ARG B 141 5.02 9.16 -3.13
CA ARG B 141 4.49 9.23 -4.48
C ARG B 141 4.94 7.99 -5.25
N ALA B 142 4.43 7.86 -6.48
CA ALA B 142 4.83 6.82 -7.40
C ALA B 142 5.05 7.43 -8.77
N TYR B 143 6.14 7.05 -9.42
CA TYR B 143 6.47 7.60 -10.73
C TYR B 143 7.23 6.57 -11.55
N TRP B 144 7.29 6.83 -12.86
CA TRP B 144 8.04 6.02 -13.80
C TRP B 144 9.41 6.64 -14.01
N ASP B 145 10.45 5.81 -13.93
CA ASP B 145 11.82 6.31 -14.02
C ASP B 145 12.46 6.04 -15.38
N GLY B 146 11.68 5.64 -16.37
CA GLY B 146 12.19 5.29 -17.68
C GLY B 146 12.22 3.81 -17.98
N GLU B 147 12.20 2.96 -16.95
CA GLU B 147 12.17 1.52 -17.13
C GLU B 147 11.27 0.79 -16.14
N LYS B 148 11.02 1.33 -14.95
CA LYS B 148 10.25 0.64 -13.93
C LYS B 148 9.52 1.65 -13.06
N GLU B 149 8.48 1.18 -12.38
CA GLU B 149 7.79 2.01 -11.42
C GLU B 149 8.68 2.25 -10.20
N VAL B 150 8.65 3.47 -9.67
CA VAL B 150 9.35 3.82 -8.44
C VAL B 150 8.30 4.23 -7.42
N LEU B 151 8.36 3.61 -6.24
CA LEU B 151 7.39 3.86 -5.18
C LEU B 151 8.11 4.49 -3.99
N VAL B 152 7.79 5.76 -3.71
CA VAL B 152 8.31 6.47 -2.55
C VAL B 152 7.27 6.36 -1.44
N VAL B 153 7.67 5.77 -0.32
CA VAL B 153 6.74 5.44 0.76
C VAL B 153 7.24 6.05 2.06
N ALA B 154 6.33 6.64 2.82
CA ALA B 154 6.67 7.19 4.12
C ALA B 154 7.06 6.07 5.09
N HIS B 155 8.09 6.32 5.88
CA HIS B 155 8.58 5.32 6.84
C HIS B 155 7.46 4.91 7.78
N GLY B 156 7.31 3.59 7.94
CA GLY B 156 6.27 3.03 8.77
C GLY B 156 4.94 2.81 8.07
N ALA B 157 4.73 3.41 6.91
CA ALA B 157 3.47 3.25 6.20
C ALA B 157 3.41 1.90 5.49
N PRO B 158 2.21 1.36 5.31
CA PRO B 158 2.09 0.18 4.45
C PRO B 158 2.28 0.54 2.99
N ALA B 159 2.81 -0.40 2.22
CA ALA B 159 3.06 -0.20 0.80
C ALA B 159 2.57 -1.40 0.02
N LEU B 160 1.89 -1.14 -1.09
CA LEU B 160 1.44 -2.18 -2.01
C LEU B 160 2.17 -2.00 -3.33
N MET B 161 3.00 -2.97 -3.68
CA MET B 161 3.67 -2.99 -4.98
C MET B 161 2.85 -3.83 -5.95
N THR B 162 2.38 -3.20 -7.02
CA THR B 162 1.41 -3.81 -7.91
C THR B 162 2.08 -4.74 -8.92
N CYS B 163 1.55 -5.96 -9.02
CA CYS B 163 2.01 -6.96 -9.99
C CYS B 163 0.77 -7.70 -10.47
N ILE B 164 0.30 -7.37 -11.67
CA ILE B 164 -0.94 -7.92 -12.22
C ILE B 164 -0.64 -8.58 -13.55
N ASN B 165 -1.09 -9.82 -13.71
CA ASN B 165 -1.05 -10.52 -15.00
C ASN B 165 -2.28 -11.41 -15.06
N ARG B 166 -3.24 -11.05 -15.90
CA ARG B 166 -4.52 -11.74 -15.98
C ARG B 166 -4.62 -12.67 -17.17
N ALA B 167 -3.51 -12.97 -17.84
CA ALA B 167 -3.52 -13.97 -18.89
C ALA B 167 -4.02 -15.30 -18.36
N HIS B 168 -4.75 -16.03 -19.21
CA HIS B 168 -5.42 -17.26 -18.78
C HIS B 168 -4.44 -18.28 -18.21
N VAL B 169 -3.18 -18.26 -18.68
CA VAL B 169 -2.22 -19.24 -18.23
C VAL B 169 -1.84 -19.07 -16.77
N TRP B 170 -2.02 -17.88 -16.21
CA TRP B 170 -1.69 -17.62 -14.81
C TRP B 170 -2.89 -17.77 -13.90
N THR B 171 -4.09 -17.57 -14.42
CA THR B 171 -5.32 -17.69 -13.64
C THR B 171 -5.90 -19.09 -13.78
N ASP B 172 -6.86 -19.41 -12.93
CA ASP B 172 -7.51 -20.71 -12.93
C ASP B 172 -8.68 -20.78 -13.91
N ARG B 173 -8.69 -19.92 -14.92
CA ARG B 173 -9.67 -19.98 -15.98
C ARG B 173 -9.18 -20.94 -17.06
N HIS B 174 -10.04 -21.87 -17.46
CA HIS B 174 -9.66 -22.92 -18.40
C HIS B 174 -10.62 -22.93 -19.58
N LEU B 175 -10.06 -22.84 -20.78
CA LEU B 175 -10.84 -22.98 -22.01
C LEU B 175 -11.19 -24.45 -22.21
N GLU B 176 -11.79 -24.76 -23.35
CA GLU B 176 -12.15 -26.14 -23.65
C GLU B 176 -10.91 -26.95 -24.01
N GLU B 177 -10.75 -28.10 -23.36
CA GLU B 177 -9.60 -28.97 -23.60
C GLU B 177 -9.82 -29.73 -24.90
N ALA B 178 -9.26 -29.19 -25.98
CA ALA B 178 -9.44 -29.77 -27.31
C ALA B 178 -8.57 -31.00 -27.48
N GLN B 179 -8.69 -31.63 -28.65
CA GLN B 179 -7.90 -32.82 -28.96
C GLN B 179 -6.44 -32.44 -29.17
N GLN B 180 -5.54 -33.19 -28.55
CA GLN B 180 -4.11 -33.01 -28.77
C GLN B 180 -3.68 -33.81 -29.99
N VAL B 181 -3.00 -33.17 -30.92
CA VAL B 181 -2.48 -33.82 -32.12
C VAL B 181 -0.97 -33.61 -32.17
N VAL B 182 -0.25 -34.69 -32.49
CA VAL B 182 1.20 -34.65 -32.67
C VAL B 182 1.51 -34.97 -34.11
N HIS B 183 2.33 -34.12 -34.74
CA HIS B 183 2.67 -34.26 -36.15
C HIS B 183 4.11 -34.71 -36.30
N TRP B 184 4.33 -35.68 -37.19
CA TRP B 184 5.66 -36.07 -37.62
C TRP B 184 5.87 -35.60 -39.06
N ASP B 185 6.96 -34.88 -39.30
CA ASP B 185 7.31 -34.39 -40.62
C ASP B 185 8.65 -35.00 -41.03
N ARG B 186 8.93 -34.94 -42.33
CA ARG B 186 10.21 -35.39 -42.85
C ARG B 186 10.66 -34.49 -43.98
N GLN B 187 11.95 -34.16 -43.97
CA GLN B 187 12.60 -33.44 -45.06
C GLN B 187 13.64 -34.37 -45.67
N LEU B 188 13.45 -34.72 -46.94
CA LEU B 188 14.40 -35.59 -47.61
C LEU B 188 15.68 -34.82 -47.94
N PRO B 189 16.83 -35.53 -48.04
CA PRO B 189 18.11 -34.84 -48.25
C PRO B 189 18.11 -33.90 -49.44
N GLY B 190 18.31 -32.61 -49.17
CA GLY B 190 18.27 -31.60 -50.21
C GLY B 190 16.96 -30.85 -50.32
N VAL B 191 16.10 -30.94 -49.31
CA VAL B 191 14.81 -30.25 -49.29
C VAL B 191 14.84 -29.23 -48.16
N SER B 192 14.72 -27.95 -48.50
CA SER B 192 14.79 -26.90 -47.51
C SER B 192 13.63 -26.99 -46.53
N HIS B 193 13.76 -26.27 -45.42
CA HIS B 193 12.68 -26.18 -44.45
C HIS B 193 11.50 -25.42 -45.05
N ASP B 194 10.38 -25.42 -44.33
CA ASP B 194 9.09 -24.89 -44.77
C ASP B 194 8.53 -25.70 -45.93
N ARG B 195 9.33 -26.62 -46.47
CA ARG B 195 8.89 -27.54 -47.50
C ARG B 195 8.97 -28.99 -47.04
N ALA B 196 8.94 -29.21 -45.73
CA ALA B 196 8.86 -30.55 -45.19
C ALA B 196 7.52 -31.18 -45.54
N ASP B 197 7.52 -32.51 -45.68
CA ASP B 197 6.32 -33.27 -45.97
C ASP B 197 5.85 -33.97 -44.71
N ARG B 198 4.56 -33.80 -44.38
CA ARG B 198 3.97 -34.50 -43.26
C ARG B 198 4.14 -36.00 -43.44
N LEU B 199 4.39 -36.69 -42.34
CA LEU B 199 4.51 -38.14 -42.32
C LEU B 199 3.38 -38.81 -41.55
N LEU B 200 3.00 -38.26 -40.39
CA LEU B 200 1.96 -38.83 -39.56
C LEU B 200 1.26 -37.73 -38.78
N ASP B 201 -0.04 -37.86 -38.63
CA ASP B 201 -0.80 -37.17 -37.60
C ASP B 201 -1.16 -38.19 -36.53
N LEU B 202 -0.78 -37.91 -35.28
CA LEU B 202 -1.00 -38.83 -34.16
C LEU B 202 -1.91 -38.15 -33.16
N TYR B 203 -3.11 -38.70 -32.98
CA TYR B 203 -4.06 -38.15 -32.02
C TYR B 203 -3.92 -38.87 -30.68
N ALA B 204 -4.13 -38.11 -29.60
CA ALA B 204 -3.99 -38.67 -28.26
C ALA B 204 -4.93 -39.86 -28.06
N SER B 205 -6.12 -39.80 -28.66
CA SER B 205 -7.09 -40.89 -28.53
C SER B 205 -6.66 -42.15 -29.27
N GLY B 206 -5.58 -42.12 -30.05
CA GLY B 206 -5.03 -43.31 -30.67
C GLY B 206 -5.06 -43.33 -32.18
N GLU B 207 -5.83 -42.46 -32.85
CA GLU B 207 -5.89 -42.49 -34.30
C GLU B 207 -4.57 -42.03 -34.90
N ARG B 208 -4.18 -42.66 -35.99
CA ARG B 208 -3.01 -42.27 -36.76
C ARG B 208 -3.43 -42.03 -38.21
N ARG B 209 -3.03 -40.89 -38.75
CA ARG B 209 -3.24 -40.56 -40.17
C ARG B 209 -1.90 -40.60 -40.87
N ALA B 210 -1.77 -41.48 -41.86
CA ALA B 210 -0.53 -41.67 -42.60
C ALA B 210 -0.53 -40.81 -43.86
N TYR B 211 0.68 -40.44 -44.30
CA TYR B 211 0.87 -39.58 -45.45
C TYR B 211 1.87 -40.20 -46.41
N GLY B 212 1.64 -39.96 -47.70
CA GLY B 212 2.65 -40.14 -48.71
C GLY B 212 3.03 -41.57 -49.04
N PRO B 213 4.30 -41.91 -48.84
CA PRO B 213 4.89 -43.09 -49.50
C PRO B 213 4.44 -44.39 -48.88
N PRO B 214 3.81 -45.28 -49.67
CA PRO B 214 3.50 -46.62 -49.16
C PRO B 214 4.72 -47.52 -49.03
N PHE B 215 5.88 -47.12 -49.54
CA PHE B 215 7.09 -47.92 -49.40
C PHE B 215 7.82 -47.63 -48.09
N LEU B 216 7.46 -46.57 -47.39
CA LEU B 216 7.98 -46.26 -46.07
C LEU B 216 7.00 -46.53 -44.95
N ARG B 217 5.70 -46.40 -45.22
CA ARG B 217 4.69 -46.56 -44.17
C ARG B 217 4.71 -47.96 -43.56
N ASP B 218 5.11 -48.97 -44.33
CA ASP B 218 5.06 -50.34 -43.84
C ASP B 218 6.12 -50.63 -42.79
N ARG B 219 7.17 -49.81 -42.70
CA ARG B 219 8.22 -49.98 -41.71
C ARG B 219 8.17 -48.92 -40.61
N VAL B 220 7.26 -47.96 -40.70
CA VAL B 220 7.09 -46.93 -39.69
C VAL B 220 5.98 -47.37 -38.72
N SER B 221 6.20 -47.18 -37.43
CA SER B 221 5.21 -47.60 -36.44
C SER B 221 5.33 -46.72 -35.20
N VAL B 222 4.23 -46.71 -34.43
CA VAL B 222 4.20 -46.06 -33.12
C VAL B 222 3.48 -47.00 -32.16
N ASN B 223 3.79 -46.86 -30.87
CA ASN B 223 3.11 -47.60 -29.80
C ASN B 223 2.03 -46.69 -29.23
N THR B 224 0.79 -46.88 -29.67
CA THR B 224 -0.28 -45.98 -29.26
C THR B 224 -0.66 -46.14 -27.79
N ASN B 225 -0.31 -47.28 -27.16
CA ASN B 225 -0.60 -47.44 -25.74
C ASN B 225 0.25 -46.52 -24.88
N ALA B 226 1.32 -45.95 -25.44
CA ALA B 226 2.18 -45.01 -24.74
C ALA B 226 1.78 -43.56 -24.96
N PHE B 227 0.77 -43.30 -25.79
CA PHE B 227 0.27 -41.94 -25.95
C PHE B 227 -0.24 -41.37 -24.63
N ALA B 228 -0.81 -42.23 -23.77
CA ALA B 228 -1.40 -41.77 -22.53
C ALA B 228 -0.36 -41.15 -21.60
N ARG B 229 0.88 -41.61 -21.68
CA ARG B 229 1.97 -41.01 -20.92
C ARG B 229 2.78 -40.02 -21.75
N GLY B 230 2.20 -39.50 -22.83
CA GLY B 230 2.85 -38.46 -23.61
C GLY B 230 4.00 -38.91 -24.47
N ASP B 231 4.08 -40.20 -24.81
CA ASP B 231 5.14 -40.74 -25.64
C ASP B 231 4.60 -40.96 -27.05
N PHE B 232 5.12 -40.19 -28.01
CA PHE B 232 4.72 -40.30 -29.40
C PHE B 232 5.91 -40.63 -30.29
N SER B 233 6.82 -41.47 -29.79
CA SER B 233 8.06 -41.73 -30.49
C SER B 233 7.81 -42.46 -31.81
N LEU B 234 8.68 -42.19 -32.78
CA LEU B 234 8.61 -42.82 -34.09
C LEU B 234 9.58 -44.00 -34.16
N ARG B 235 9.14 -45.09 -34.76
CA ARG B 235 9.97 -46.28 -34.94
C ARG B 235 10.03 -46.64 -36.41
N ILE B 236 11.25 -46.76 -36.93
CA ILE B 236 11.50 -47.16 -38.31
C ILE B 236 12.25 -48.47 -38.27
N ASP B 237 11.64 -49.53 -38.82
CA ASP B 237 12.26 -50.84 -38.87
C ASP B 237 12.99 -51.04 -40.20
N GLU B 238 14.03 -51.87 -40.15
CA GLU B 238 14.82 -52.25 -41.33
C GLU B 238 15.25 -51.00 -42.10
N LEU B 239 16.20 -50.28 -41.49
CA LEU B 239 16.62 -48.98 -42.01
C LEU B 239 17.24 -49.12 -43.39
N GLU B 240 16.70 -48.36 -44.34
CA GLU B 240 17.22 -48.28 -45.69
C GLU B 240 17.90 -46.92 -45.90
N ARG B 241 18.71 -46.85 -46.96
CA ARG B 241 19.39 -45.59 -47.28
C ARG B 241 18.39 -44.49 -47.61
N ALA B 242 17.25 -44.85 -48.21
CA ALA B 242 16.22 -43.87 -48.53
C ALA B 242 15.53 -43.30 -47.30
N ASP B 243 15.76 -43.88 -46.12
CA ASP B 243 15.19 -43.34 -44.89
C ASP B 243 15.97 -42.13 -44.37
N GLU B 244 17.15 -41.84 -44.91
CA GLU B 244 17.93 -40.70 -44.47
C GLU B 244 17.13 -39.41 -44.67
N GLY B 245 17.28 -38.49 -43.72
CA GLY B 245 16.58 -37.22 -43.81
C GLY B 245 16.41 -36.61 -42.44
N ILE B 246 15.71 -35.49 -42.42
CA ILE B 246 15.43 -34.73 -41.21
C ILE B 246 14.00 -35.05 -40.79
N TYR B 247 13.84 -35.73 -39.66
CA TYR B 247 12.53 -36.02 -39.09
C TYR B 247 12.23 -35.05 -37.97
N SER B 248 10.98 -34.61 -37.90
CA SER B 248 10.56 -33.62 -36.92
C SER B 248 9.27 -34.06 -36.27
N CYS B 249 9.26 -34.09 -34.94
CA CYS B 249 8.07 -34.28 -34.13
C CYS B 249 7.66 -32.91 -33.59
N HIS B 250 6.43 -32.49 -33.87
CA HIS B 250 6.03 -31.18 -33.36
C HIS B 250 4.57 -31.19 -32.91
N LEU B 251 4.31 -30.34 -31.91
CA LEU B 251 3.02 -30.21 -31.25
C LEU B 251 2.82 -28.75 -30.87
N HIS B 252 1.59 -28.27 -31.00
CA HIS B 252 1.21 -26.97 -30.45
C HIS B 252 0.26 -27.19 -29.28
N HIS B 253 0.59 -26.60 -28.15
CA HIS B 253 -0.22 -26.72 -26.94
C HIS B 253 -1.01 -25.43 -26.76
N HIS B 254 -2.34 -25.52 -26.88
CA HIS B 254 -3.16 -24.31 -26.90
C HIS B 254 -3.11 -23.56 -25.58
N TYR B 255 -3.35 -24.27 -24.47
CA TYR B 255 -3.36 -23.63 -23.16
C TYR B 255 -2.03 -22.93 -22.88
N CYS B 256 -0.93 -23.62 -23.12
CA CYS B 256 0.39 -23.03 -22.87
C CYS B 256 0.78 -21.97 -23.90
N GLY B 257 0.16 -21.98 -25.08
CA GLY B 257 0.61 -21.13 -26.16
C GLY B 257 2.01 -21.47 -26.61
N LEU B 258 2.33 -22.76 -26.67
CA LEU B 258 3.70 -23.23 -26.81
C LEU B 258 3.80 -24.22 -27.95
N HIS B 259 4.76 -24.00 -28.85
CA HIS B 259 5.13 -24.99 -29.85
C HIS B 259 6.28 -25.83 -29.29
N GLU B 260 6.13 -27.15 -29.37
CA GLU B 260 7.20 -28.07 -29.03
C GLU B 260 7.66 -28.79 -30.29
N ARG B 261 8.98 -28.85 -30.48
CA ARG B 261 9.54 -29.39 -31.71
C ARG B 261 10.80 -30.19 -31.38
N ARG B 262 10.83 -31.45 -31.83
CA ARG B 262 12.02 -32.28 -31.72
C ARG B 262 12.46 -32.69 -33.12
N VAL B 263 13.73 -32.45 -33.42
CA VAL B 263 14.27 -32.62 -34.76
C VAL B 263 15.36 -33.69 -34.73
N PHE B 264 15.31 -34.59 -35.71
CA PHE B 264 16.25 -35.70 -35.79
C PHE B 264 16.89 -35.70 -37.18
N HIS B 265 18.19 -35.43 -37.23
CA HIS B 265 18.96 -35.56 -38.47
C HIS B 265 19.44 -37.00 -38.53
N LEU B 266 18.71 -37.82 -39.29
CA LEU B 266 18.93 -39.26 -39.32
C LEU B 266 19.82 -39.64 -40.50
N GLN B 267 20.90 -40.37 -40.20
CA GLN B 267 21.82 -40.86 -41.21
C GLN B 267 21.87 -42.38 -41.13
N VAL B 268 21.78 -43.04 -42.28
CA VAL B 268 21.79 -44.49 -42.38
C VAL B 268 23.09 -44.91 -43.05
N THR B 269 23.93 -45.63 -42.31
CA THR B 269 25.20 -46.12 -42.84
C THR B 269 25.02 -47.55 -43.36
N GLU B 270 26.09 -48.08 -43.95
CA GLU B 270 26.09 -49.45 -44.44
C GLU B 270 27.33 -50.16 -43.90
N PRO B 271 27.18 -51.35 -43.34
CA PRO B 271 28.32 -52.00 -42.68
C PRO B 271 29.43 -52.36 -43.65
N ALA B 272 30.64 -52.43 -43.12
CA ALA B 272 31.82 -52.77 -43.91
C ALA B 272 32.02 -54.28 -43.97
#